data_3TOU
#
_entry.id   3TOU
#
_cell.length_a   76.475
_cell.length_b   76.475
_cell.length_c   151.800
_cell.angle_alpha   90.00
_cell.angle_beta   90.00
_cell.angle_gamma   90.00
#
_symmetry.space_group_name_H-M   'P 41 21 2'
#
loop_
_entity.id
_entity.type
_entity.pdbx_description
1 polymer 'Glutathione s-transferase protein'
2 non-polymer GLUTATHIONE
3 non-polymer 'ACETATE ION'
4 water water
#
_entity_poly.entity_id   1
_entity_poly.type   'polypeptide(L)'
_entity_poly.pdbx_seq_one_letter_code
;MVMKLIGSHASPYTRKVRVVLAEKKIDYQFVLEDVWNADTQIHQFNPLGKVPCLVMDDGGALFDSRVIAEYADTLSPVAR
LIPPSGRERVEVRCWEALADGLLDAAVALRVEQTQRTPEQRSESWITRQHHKIDEALKAMSRGLADRTWCNGNHLTLADI
AVGCALAYLDFRQPQVDWREQHANLAAFYTRIEKRPSFLETQPQAENLYFQSHHHHHHWSHPQFEK
;
_entity_poly.pdbx_strand_id   A,B
#
loop_
_chem_comp.id
_chem_comp.type
_chem_comp.name
_chem_comp.formula
ACT non-polymer 'ACETATE ION' 'C2 H3 O2 -1'
GSH non-polymer GLUTATHIONE 'C10 H17 N3 O6 S'
#
# COMPACT_ATOMS: atom_id res chain seq x y z
N VAL A 2 5.38 -21.52 15.03
CA VAL A 2 5.03 -21.38 13.58
C VAL A 2 4.22 -20.08 13.44
N MET A 3 4.62 -19.23 12.50
CA MET A 3 3.92 -17.99 12.26
C MET A 3 2.48 -18.23 11.77
N LYS A 4 1.58 -17.30 12.11
CA LYS A 4 0.21 -17.42 11.68
C LYS A 4 -0.13 -16.27 10.71
N LEU A 5 -0.66 -16.61 9.53
CA LEU A 5 -1.09 -15.57 8.59
C LEU A 5 -2.61 -15.47 8.65
N ILE A 6 -3.11 -14.32 9.08
CA ILE A 6 -4.54 -14.06 9.12
C ILE A 6 -4.96 -13.52 7.75
N GLY A 7 -5.98 -14.12 7.15
CA GLY A 7 -6.42 -13.68 5.82
C GLY A 7 -7.66 -14.39 5.36
N SER A 8 -8.01 -14.22 4.09
CA SER A 8 -9.11 -14.96 3.49
C SER A 8 -8.62 -15.55 2.18
N HIS A 9 -9.33 -16.57 1.69
CA HIS A 9 -9.05 -17.12 0.38
C HIS A 9 -9.24 -16.08 -0.74
N ALA A 10 -10.26 -15.22 -0.61
CA ALA A 10 -10.56 -14.23 -1.66
C ALA A 10 -9.51 -13.12 -1.75
N SER A 11 -8.95 -12.74 -0.60
CA SER A 11 -8.09 -11.54 -0.51
C SER A 11 -6.85 -11.67 -1.40
N PRO A 12 -6.72 -10.76 -2.38
CA PRO A 12 -5.57 -10.85 -3.28
C PRO A 12 -4.29 -10.35 -2.64
N TYR A 13 -4.39 -9.43 -1.67
CA TYR A 13 -3.20 -9.02 -0.93
C TYR A 13 -2.68 -10.17 -0.07
N THR A 14 -3.61 -10.93 0.50
CA THR A 14 -3.25 -12.14 1.25
C THR A 14 -2.64 -13.17 0.31
N ARG A 15 -3.23 -13.33 -0.87
CA ARG A 15 -2.68 -14.28 -1.84
C ARG A 15 -1.24 -13.95 -2.17
N LYS A 16 -0.94 -12.66 -2.38
CA LYS A 16 0.45 -12.27 -2.67
C LYS A 16 1.41 -12.80 -1.62
N VAL A 17 1.04 -12.62 -0.35
CA VAL A 17 1.86 -13.09 0.75
C VAL A 17 1.97 -14.63 0.74
N ARG A 18 0.84 -15.31 0.51
CA ARG A 18 0.82 -16.78 0.51
C ARG A 18 1.70 -17.34 -0.59
N VAL A 19 1.67 -16.70 -1.76
CA VAL A 19 2.53 -17.10 -2.88
C VAL A 19 4.01 -16.91 -2.51
N VAL A 20 4.33 -15.77 -1.91
CA VAL A 20 5.69 -15.50 -1.46
C VAL A 20 6.15 -16.56 -0.46
N LEU A 21 5.30 -16.86 0.53
CA LEU A 21 5.64 -17.85 1.55
C LEU A 21 5.89 -19.23 0.93
N ALA A 22 5.10 -19.59 -0.09
CA ALA A 22 5.26 -20.88 -0.77
C ALA A 22 6.57 -20.91 -1.57
N GLU A 23 6.83 -19.85 -2.32
CA GLU A 23 8.09 -19.74 -3.10
C GLU A 23 9.31 -19.76 -2.20
N LYS A 24 9.17 -19.16 -1.01
CA LYS A 24 10.30 -19.09 -0.07
C LYS A 24 10.44 -20.35 0.78
N LYS A 25 9.47 -21.25 0.66
CA LYS A 25 9.42 -22.49 1.46
C LYS A 25 9.35 -22.23 2.97
N ILE A 26 8.57 -21.20 3.32
CA ILE A 26 8.38 -20.83 4.71
C ILE A 26 7.07 -21.44 5.20
N ASP A 27 7.17 -22.20 6.29
CA ASP A 27 6.01 -22.82 6.91
C ASP A 27 5.21 -21.77 7.68
N TYR A 28 3.88 -21.88 7.60
CA TYR A 28 2.98 -20.96 8.32
C TYR A 28 1.61 -21.63 8.49
N GLN A 29 0.80 -21.09 9.39
CA GLN A 29 -0.57 -21.55 9.55
C GLN A 29 -1.51 -20.49 9.01
N PHE A 30 -2.36 -20.89 8.06
CA PHE A 30 -3.32 -19.96 7.45
C PHE A 30 -4.56 -19.90 8.32
N VAL A 31 -4.82 -18.73 8.87
CA VAL A 31 -5.96 -18.53 9.77
C VAL A 31 -7.02 -17.68 9.06
N LEU A 32 -8.17 -18.30 8.80
CA LEU A 32 -9.24 -17.65 8.05
C LEU A 32 -9.99 -16.65 8.89
N GLU A 33 -10.21 -15.47 8.32
CA GLU A 33 -10.87 -14.38 9.01
C GLU A 33 -11.72 -13.60 8.01
N ASP A 34 -12.91 -13.21 8.43
CA ASP A 34 -13.76 -12.32 7.64
C ASP A 34 -13.77 -10.95 8.30
N VAL A 35 -12.99 -10.03 7.74
CA VAL A 35 -12.84 -8.69 8.30
C VAL A 35 -14.12 -7.83 8.18
N TRP A 36 -15.05 -8.28 7.35
CA TRP A 36 -16.33 -7.59 7.11
C TRP A 36 -17.45 -8.05 8.05
N ASN A 37 -17.18 -9.11 8.82
CA ASN A 37 -18.09 -9.57 9.87
C ASN A 37 -18.04 -8.64 11.07
N ALA A 38 -19.20 -8.32 11.64
CA ALA A 38 -19.26 -7.44 12.80
C ALA A 38 -18.52 -7.98 14.02
N ASP A 39 -18.39 -9.31 14.09
CA ASP A 39 -17.72 -9.99 15.19
C ASP A 39 -16.25 -10.30 14.90
N THR A 40 -15.66 -9.69 13.87
CA THR A 40 -14.24 -9.92 13.54
C THR A 40 -13.27 -9.61 14.68
N GLN A 41 -12.20 -10.39 14.75
CA GLN A 41 -11.15 -10.21 15.75
C GLN A 41 -9.93 -9.51 15.17
N ILE A 42 -10.02 -9.03 13.92
CA ILE A 42 -8.82 -8.53 13.23
C ILE A 42 -8.11 -7.40 13.98
N HIS A 43 -8.87 -6.54 14.66
CA HIS A 43 -8.28 -5.41 15.37
C HIS A 43 -7.48 -5.80 16.62
N GLN A 44 -7.65 -7.05 17.06
CA GLN A 44 -6.78 -7.60 18.10
C GLN A 44 -5.34 -7.84 17.60
N PHE A 45 -5.14 -7.82 16.28
CA PHE A 45 -3.81 -8.05 15.69
C PHE A 45 -3.31 -6.95 14.75
N ASN A 46 -4.17 -6.49 13.84
CA ASN A 46 -3.83 -5.38 12.97
C ASN A 46 -4.68 -4.18 13.35
N PRO A 47 -4.05 -3.10 13.81
CA PRO A 47 -4.76 -1.85 14.17
C PRO A 47 -5.55 -1.26 13.00
N LEU A 48 -5.13 -1.54 11.77
CA LEU A 48 -5.89 -1.08 10.61
C LEU A 48 -7.10 -1.95 10.26
N GLY A 49 -7.23 -3.12 10.91
CA GLY A 49 -8.38 -4.00 10.69
C GLY A 49 -8.43 -4.65 9.31
N LYS A 50 -7.26 -4.89 8.74
CA LYS A 50 -7.14 -5.43 7.39
CA LYS A 50 -7.14 -5.43 7.39
C LYS A 50 -6.37 -6.74 7.36
N VAL A 51 -6.61 -7.54 6.33
CA VAL A 51 -5.79 -8.73 6.07
C VAL A 51 -5.00 -8.50 4.77
N PRO A 52 -3.80 -9.09 4.66
CA PRO A 52 -3.13 -10.02 5.58
C PRO A 52 -2.48 -9.36 6.80
N CYS A 53 -2.38 -10.15 7.85
CA CYS A 53 -1.64 -9.78 9.04
C CYS A 53 -0.86 -11.02 9.49
N LEU A 54 0.44 -10.89 9.62
CA LEU A 54 1.30 -12.02 10.01
C LEU A 54 1.60 -11.89 11.49
N VAL A 55 1.33 -12.96 12.25
CA VAL A 55 1.55 -12.95 13.70
C VAL A 55 2.64 -13.94 14.05
N MET A 56 3.63 -13.45 14.80
CA MET A 56 4.83 -14.22 15.11
C MET A 56 4.60 -15.05 16.36
N ASP A 57 5.56 -15.92 16.68
CA ASP A 57 5.50 -16.78 17.88
C ASP A 57 5.31 -16.00 19.19
N ASP A 58 5.93 -14.82 19.27
CA ASP A 58 5.83 -13.97 20.47
C ASP A 58 4.62 -13.03 20.50
N GLY A 59 3.77 -13.13 19.48
CA GLY A 59 2.54 -12.36 19.41
C GLY A 59 2.65 -11.08 18.59
N GLY A 60 3.87 -10.73 18.19
CA GLY A 60 4.13 -9.51 17.39
C GLY A 60 3.45 -9.63 16.04
N ALA A 61 2.91 -8.52 15.53
CA ALA A 61 2.09 -8.56 14.32
C ALA A 61 2.73 -7.70 13.24
N LEU A 62 2.67 -8.17 12.00
CA LEU A 62 3.26 -7.46 10.87
C LEU A 62 2.20 -7.21 9.80
N PHE A 63 2.28 -6.05 9.16
CA PHE A 63 1.34 -5.64 8.11
C PHE A 63 2.04 -4.45 7.41
N ASP A 64 1.64 -4.03 6.20
CA ASP A 64 0.63 -4.68 5.35
C ASP A 64 1.28 -5.73 4.44
N SER A 65 0.61 -6.09 3.34
CA SER A 65 1.13 -7.16 2.47
C SER A 65 2.52 -6.89 1.92
N ARG A 66 2.85 -5.64 1.64
CA ARG A 66 4.18 -5.30 1.12
C ARG A 66 5.26 -5.52 2.17
N VAL A 67 4.94 -5.15 3.41
CA VAL A 67 5.89 -5.31 4.51
C VAL A 67 6.12 -6.80 4.80
N ILE A 68 5.03 -7.56 4.80
CA ILE A 68 5.09 -9.02 5.06
C ILE A 68 5.92 -9.72 3.96
N ALA A 69 5.62 -9.41 2.70
CA ALA A 69 6.34 -10.00 1.57
C ALA A 69 7.83 -9.69 1.65
N GLU A 70 8.16 -8.44 1.98
CA GLU A 70 9.55 -8.02 2.11
C GLU A 70 10.27 -8.78 3.23
N TYR A 71 9.63 -8.85 4.39
CA TYR A 71 10.16 -9.60 5.52
C TYR A 71 10.37 -11.07 5.15
N ALA A 72 9.39 -11.65 4.45
CA ALA A 72 9.43 -13.09 4.13
C ALA A 72 10.61 -13.42 3.20
N ASP A 73 10.92 -12.52 2.27
CA ASP A 73 12.06 -12.74 1.37
C ASP A 73 13.40 -12.87 2.11
N THR A 74 13.51 -12.25 3.29
CA THR A 74 14.74 -12.32 4.11
C THR A 74 14.86 -13.60 4.97
N LEU A 75 13.77 -14.34 5.11
CA LEU A 75 13.71 -15.45 6.08
C LEU A 75 14.23 -16.79 5.55
N SER A 76 14.51 -16.84 4.26
CA SER A 76 14.91 -18.09 3.63
C SER A 76 15.83 -17.81 2.46
N PRO A 77 16.76 -18.74 2.17
CA PRO A 77 17.66 -18.54 1.05
C PRO A 77 17.09 -19.02 -0.29
N VAL A 78 15.88 -19.58 -0.25
CA VAL A 78 15.23 -20.14 -1.45
C VAL A 78 14.69 -19.00 -2.26
N ALA A 79 15.26 -18.81 -3.46
CA ALA A 79 14.95 -17.70 -4.37
C ALA A 79 15.33 -16.35 -3.79
N ARG A 80 15.40 -15.35 -4.67
CA ARG A 80 15.59 -13.97 -4.25
C ARG A 80 14.49 -13.17 -4.94
N LEU A 81 13.43 -12.87 -4.19
CA LEU A 81 12.25 -12.25 -4.80
C LEU A 81 12.32 -10.72 -4.88
N ILE A 82 13.20 -10.11 -4.09
CA ILE A 82 13.43 -8.66 -4.17
C ILE A 82 14.93 -8.43 -4.33
N PRO A 83 15.33 -7.80 -5.44
CA PRO A 83 16.75 -7.46 -5.63
C PRO A 83 17.30 -6.59 -4.48
N PRO A 84 18.58 -6.78 -4.11
N PRO A 84 18.61 -6.70 -4.19
CA PRO A 84 19.14 -6.11 -2.94
CA PRO A 84 19.27 -5.74 -3.30
C PRO A 84 19.30 -4.60 -3.09
C PRO A 84 19.32 -4.33 -3.91
N SER A 85 19.42 -4.12 -4.32
N SER A 85 19.61 -3.32 -3.09
CA SER A 85 19.81 -2.73 -4.52
CA SER A 85 19.61 -1.93 -3.53
C SER A 85 19.64 -2.22 -5.93
C SER A 85 20.19 -1.73 -4.94
N GLY A 86 19.91 -0.92 -6.04
N GLY A 86 19.48 -0.97 -5.78
CA GLY A 86 20.03 -0.25 -7.31
CA GLY A 86 19.87 -0.74 -7.19
C GLY A 86 18.73 -0.22 -8.05
C GLY A 86 18.66 -0.42 -8.05
N ARG A 87 18.87 -0.19 -9.36
CA ARG A 87 17.79 0.05 -10.32
C ARG A 87 16.74 -1.08 -10.36
N GLU A 88 17.22 -2.33 -10.26
CA GLU A 88 16.33 -3.51 -10.33
C GLU A 88 15.41 -3.57 -9.12
N ARG A 89 15.92 -3.19 -7.96
CA ARG A 89 15.08 -3.19 -6.78
C ARG A 89 13.97 -2.17 -6.91
N VAL A 90 14.33 -0.95 -7.27
CA VAL A 90 13.28 0.07 -7.37
C VAL A 90 12.21 -0.32 -8.40
N GLU A 91 12.65 -0.91 -9.53
CA GLU A 91 11.75 -1.40 -10.55
C GLU A 91 10.80 -2.46 -9.99
N VAL A 92 11.34 -3.42 -9.25
CA VAL A 92 10.49 -4.48 -8.63
C VAL A 92 9.49 -3.88 -7.63
N ARG A 93 9.93 -2.90 -6.82
CA ARG A 93 9.02 -2.23 -5.87
C ARG A 93 7.91 -1.46 -6.61
N CYS A 94 8.28 -0.79 -7.70
CA CYS A 94 7.30 -0.05 -8.50
C CYS A 94 6.30 -1.02 -9.16
N TRP A 95 6.77 -2.16 -9.67
CA TRP A 95 5.86 -3.16 -10.23
C TRP A 95 4.88 -3.63 -9.18
N GLU A 96 5.37 -3.84 -7.96
CA GLU A 96 4.47 -4.28 -6.89
C GLU A 96 3.42 -3.19 -6.60
N ALA A 97 3.84 -1.93 -6.63
CA ALA A 97 2.87 -0.83 -6.40
C ALA A 97 1.85 -0.74 -7.51
N LEU A 98 2.28 -1.02 -8.74
CA LEU A 98 1.35 -0.98 -9.88
C LEU A 98 0.29 -2.08 -9.74
N ALA A 99 0.76 -3.30 -9.42
CA ALA A 99 -0.16 -4.41 -9.20
C ALA A 99 -1.07 -4.19 -7.99
N ASP A 100 -0.50 -3.68 -6.89
CA ASP A 100 -1.28 -3.41 -5.69
C ASP A 100 -2.33 -2.33 -5.96
N GLY A 101 -1.98 -1.35 -6.80
CA GLY A 101 -2.92 -0.29 -7.18
C GLY A 101 -4.05 -0.81 -8.04
N LEU A 102 -3.75 -1.75 -8.93
CA LEU A 102 -4.83 -2.39 -9.70
C LEU A 102 -5.76 -3.09 -8.69
N LEU A 103 -5.16 -3.82 -7.74
CA LEU A 103 -5.94 -4.45 -6.67
C LEU A 103 -6.75 -3.45 -5.87
N ASP A 104 -6.15 -2.31 -5.51
CA ASP A 104 -6.87 -1.25 -4.76
C ASP A 104 -8.15 -0.84 -5.50
N ALA A 105 -8.03 -0.65 -6.81
CA ALA A 105 -9.20 -0.28 -7.62
C ALA A 105 -10.22 -1.40 -7.71
N ALA A 106 -9.77 -2.63 -7.98
CA ALA A 106 -10.71 -3.76 -8.08
C ALA A 106 -11.41 -4.04 -6.75
N VAL A 107 -10.65 -3.96 -5.66
CA VAL A 107 -11.21 -4.15 -4.31
C VAL A 107 -12.18 -3.01 -3.95
N ALA A 108 -11.85 -1.76 -4.35
CA ALA A 108 -12.81 -0.65 -4.18
C ALA A 108 -14.16 -0.96 -4.85
N LEU A 109 -14.11 -1.59 -6.02
CA LEU A 109 -15.34 -2.05 -6.72
C LEU A 109 -16.10 -3.11 -5.93
N ARG A 110 -15.37 -4.04 -5.32
CA ARG A 110 -16.00 -5.09 -4.49
C ARG A 110 -16.69 -4.45 -3.27
N VAL A 111 -16.03 -3.44 -2.69
CA VAL A 111 -16.58 -2.69 -1.53
C VAL A 111 -17.82 -1.90 -1.94
N GLU A 112 -17.78 -1.30 -3.12
CA GLU A 112 -18.94 -0.61 -3.66
C GLU A 112 -20.15 -1.55 -3.82
N GLN A 113 -19.88 -2.82 -4.13
CA GLN A 113 -20.94 -3.84 -4.17
C GLN A 113 -21.42 -4.25 -2.77
N THR A 114 -20.50 -4.62 -1.89
CA THR A 114 -20.90 -5.27 -0.63
C THR A 114 -21.22 -4.32 0.52
N GLN A 115 -20.69 -3.09 0.46
CA GLN A 115 -20.79 -2.17 1.59
C GLN A 115 -21.72 -0.99 1.35
N ARG A 116 -22.28 -0.91 0.15
CA ARG A 116 -23.21 0.17 -0.20
C ARG A 116 -24.49 -0.50 -0.65
N THR A 117 -25.64 0.11 -0.30
CA THR A 117 -26.92 -0.33 -0.85
C THR A 117 -27.01 0.18 -2.30
N PRO A 118 -27.89 -0.43 -3.15
CA PRO A 118 -28.09 0.05 -4.52
C PRO A 118 -28.35 1.55 -4.61
N GLU A 119 -29.05 2.08 -3.63
CA GLU A 119 -29.43 3.49 -3.60
C GLU A 119 -28.24 4.40 -3.30
N GLN A 120 -27.21 3.85 -2.65
CA GLN A 120 -26.00 4.59 -2.27
C GLN A 120 -24.88 4.52 -3.31
N ARG A 121 -25.01 3.64 -4.29
CA ARG A 121 -23.89 3.40 -5.22
C ARG A 121 -23.65 4.53 -6.19
N SER A 122 -22.39 4.83 -6.45
CA SER A 122 -22.01 5.94 -7.28
C SER A 122 -21.44 5.46 -8.60
N GLU A 123 -22.11 5.79 -9.70
CA GLU A 123 -21.64 5.39 -11.03
C GLU A 123 -20.32 6.08 -11.41
N SER A 124 -20.12 7.31 -10.97
CA SER A 124 -18.86 8.03 -11.20
C SER A 124 -17.67 7.37 -10.48
N TRP A 125 -17.91 6.87 -9.27
CA TRP A 125 -16.84 6.18 -8.52
C TRP A 125 -16.48 4.85 -9.17
N ILE A 126 -17.51 4.16 -9.64
CA ILE A 126 -17.36 2.87 -10.35
C ILE A 126 -16.54 3.06 -11.63
N THR A 127 -16.88 4.11 -12.39
CA THR A 127 -16.17 4.48 -13.62
C THR A 127 -14.70 4.79 -13.35
N ARG A 128 -14.47 5.54 -12.27
CA ARG A 128 -13.12 5.95 -11.88
C ARG A 128 -12.23 4.73 -11.59
N GLN A 129 -12.77 3.77 -10.83
CA GLN A 129 -12.00 2.58 -10.51
C GLN A 129 -11.73 1.72 -11.75
N HIS A 130 -12.74 1.58 -12.62
CA HIS A 130 -12.53 0.84 -13.88
C HIS A 130 -11.50 1.51 -14.78
N HIS A 131 -11.44 2.83 -14.72
CA HIS A 131 -10.45 3.58 -15.51
C HIS A 131 -9.04 3.25 -15.00
N LYS A 132 -8.88 3.18 -13.67
CA LYS A 132 -7.61 2.78 -13.07
C LYS A 132 -7.18 1.40 -13.48
N ILE A 133 -8.11 0.45 -13.48
CA ILE A 133 -7.79 -0.92 -13.88
C ILE A 133 -7.35 -0.97 -15.34
N ASP A 134 -8.10 -0.29 -16.21
CA ASP A 134 -7.78 -0.24 -17.63
C ASP A 134 -6.37 0.32 -17.86
N GLU A 135 -6.06 1.43 -17.20
CA GLU A 135 -4.75 2.08 -17.36
C GLU A 135 -3.62 1.28 -16.70
N ALA A 136 -3.90 0.66 -15.55
CA ALA A 136 -2.88 -0.20 -14.93
C ALA A 136 -2.53 -1.38 -15.83
N LEU A 137 -3.56 -1.99 -16.46
CA LEU A 137 -3.33 -3.11 -17.38
C LEU A 137 -2.49 -2.69 -18.59
N LYS A 138 -2.79 -1.52 -19.14
CA LYS A 138 -1.99 -0.98 -20.24
C LYS A 138 -0.52 -0.83 -19.85
N ALA A 139 -0.27 -0.28 -18.66
CA ALA A 139 1.11 -0.10 -18.16
C ALA A 139 1.82 -1.41 -17.90
N MET A 140 1.11 -2.40 -17.33
CA MET A 140 1.68 -3.73 -17.16
C MET A 140 2.09 -4.33 -18.51
N SER A 141 1.19 -4.24 -19.49
CA SER A 141 1.47 -4.74 -20.84
C SER A 141 2.70 -4.03 -21.44
N ARG A 142 2.71 -2.69 -21.37
CA ARG A 142 3.85 -1.91 -21.88
C ARG A 142 5.16 -2.26 -21.16
N GLY A 143 5.08 -2.40 -19.85
CA GLY A 143 6.26 -2.70 -19.03
C GLY A 143 6.86 -4.06 -19.27
N LEU A 144 6.02 -5.08 -19.46
CA LEU A 144 6.46 -6.45 -19.67
C LEU A 144 7.03 -6.63 -21.07
N ALA A 145 6.43 -5.92 -22.02
CA ALA A 145 6.81 -6.02 -23.44
C ALA A 145 6.92 -7.48 -23.90
N ASP A 146 8.07 -7.84 -24.49
CA ASP A 146 8.30 -9.19 -25.02
C ASP A 146 9.02 -10.11 -24.03
N ARG A 147 9.19 -9.65 -22.80
CA ARG A 147 10.01 -10.36 -21.81
C ARG A 147 9.27 -11.51 -21.14
N THR A 148 10.05 -12.44 -20.58
CA THR A 148 9.46 -13.59 -19.88
C THR A 148 9.00 -13.17 -18.48
N TRP A 149 9.81 -12.36 -17.81
CA TRP A 149 9.50 -11.90 -16.45
C TRP A 149 9.45 -10.38 -16.44
N CYS A 150 8.75 -9.82 -15.45
CA CYS A 150 8.64 -8.36 -15.32
C CYS A 150 9.99 -7.67 -15.19
N ASN A 151 10.91 -8.27 -14.43
CA ASN A 151 12.24 -7.70 -14.17
C ASN A 151 13.33 -8.78 -14.14
N GLY A 152 14.43 -8.52 -14.85
CA GLY A 152 15.56 -9.47 -14.87
C GLY A 152 15.22 -10.80 -15.53
N ASN A 153 15.91 -11.86 -15.13
CA ASN A 153 15.75 -13.17 -15.78
C ASN A 153 15.03 -14.23 -14.96
N HIS A 154 14.41 -13.83 -13.85
CA HIS A 154 13.80 -14.81 -12.97
C HIS A 154 12.56 -14.23 -12.30
N LEU A 155 11.75 -15.12 -11.74
CA LEU A 155 10.55 -14.71 -10.99
C LEU A 155 10.95 -13.82 -9.82
N THR A 156 10.27 -12.68 -9.69
CA THR A 156 10.43 -11.83 -8.51
C THR A 156 9.06 -11.54 -7.92
N LEU A 157 9.07 -10.73 -6.86
CA LEU A 157 7.81 -10.22 -6.27
C LEU A 157 6.97 -9.44 -7.28
N ALA A 158 7.62 -8.85 -8.29
CA ALA A 158 6.90 -8.15 -9.36
C ALA A 158 5.96 -9.09 -10.10
N ASP A 159 6.46 -10.26 -10.49
CA ASP A 159 5.66 -11.25 -11.18
C ASP A 159 4.55 -11.81 -10.30
N ILE A 160 4.87 -12.08 -9.03
CA ILE A 160 3.88 -12.58 -8.08
C ILE A 160 2.72 -11.60 -7.95
N ALA A 161 3.06 -10.34 -7.73
CA ALA A 161 2.06 -9.28 -7.58
C ALA A 161 1.18 -9.12 -8.82
N VAL A 162 1.81 -9.08 -9.99
CA VAL A 162 1.05 -8.96 -11.25
C VAL A 162 0.13 -10.17 -11.43
N GLY A 163 0.66 -11.37 -11.19
CA GLY A 163 -0.11 -12.61 -11.26
C GLY A 163 -1.35 -12.60 -10.39
N CYS A 164 -1.19 -12.16 -9.14
CA CYS A 164 -2.31 -12.08 -8.21
C CYS A 164 -3.37 -11.06 -8.67
N ALA A 165 -2.92 -9.94 -9.21
CA ALA A 165 -3.84 -8.94 -9.78
C ALA A 165 -4.66 -9.46 -10.97
N LEU A 166 -4.00 -10.10 -11.94
CA LEU A 166 -4.72 -10.65 -13.10
C LEU A 166 -5.70 -11.73 -12.66
N ALA A 167 -5.26 -12.61 -11.75
CA ALA A 167 -6.12 -13.66 -11.19
C ALA A 167 -7.32 -13.09 -10.46
N TYR A 168 -7.10 -11.97 -9.77
CA TYR A 168 -8.18 -11.32 -9.05
C TYR A 168 -9.24 -10.74 -9.99
N LEU A 169 -8.80 -10.19 -11.12
CA LEU A 169 -9.74 -9.77 -12.17
C LEU A 169 -10.56 -10.94 -12.70
N ASP A 170 -9.93 -12.10 -12.94
CA ASP A 170 -10.66 -13.29 -13.40
C ASP A 170 -11.76 -13.70 -12.41
N PHE A 171 -11.45 -13.53 -11.13
CA PHE A 171 -12.30 -13.99 -10.05
C PHE A 171 -13.49 -13.06 -9.77
N ARG A 172 -13.22 -11.75 -9.63
CA ARG A 172 -14.26 -10.77 -9.29
C ARG A 172 -14.76 -9.90 -10.46
N GLN A 173 -13.94 -9.72 -11.49
CA GLN A 173 -14.26 -8.81 -12.60
C GLN A 173 -14.09 -9.51 -13.96
N PRO A 174 -14.78 -10.66 -14.18
CA PRO A 174 -14.45 -11.45 -15.38
C PRO A 174 -14.83 -10.77 -16.71
N GLN A 175 -15.68 -9.75 -16.66
CA GLN A 175 -16.06 -9.00 -17.85
C GLN A 175 -14.94 -8.12 -18.42
N VAL A 176 -13.93 -7.82 -17.60
CA VAL A 176 -12.73 -7.11 -18.08
C VAL A 176 -11.92 -8.12 -18.90
N ASP A 177 -11.97 -7.98 -20.22
CA ASP A 177 -11.26 -8.94 -21.08
C ASP A 177 -9.83 -8.50 -21.28
N TRP A 178 -9.03 -8.65 -20.23
CA TRP A 178 -7.65 -8.20 -20.25
C TRP A 178 -6.80 -9.06 -21.17
N ARG A 179 -7.17 -10.34 -21.32
CA ARG A 179 -6.46 -11.24 -22.25
C ARG A 179 -6.59 -10.79 -23.70
N GLU A 180 -7.80 -10.41 -24.12
CA GLU A 180 -8.03 -9.92 -25.49
C GLU A 180 -7.32 -8.60 -25.74
N GLN A 181 -7.33 -7.71 -24.73
CA GLN A 181 -6.63 -6.43 -24.82
C GLN A 181 -5.11 -6.58 -24.89
N HIS A 182 -4.57 -7.54 -24.14
CA HIS A 182 -3.12 -7.63 -23.92
C HIS A 182 -2.63 -9.07 -24.03
N ALA A 183 -2.27 -9.45 -25.26
CA ALA A 183 -1.73 -10.78 -25.56
C ALA A 183 -0.55 -11.15 -24.68
N ASN A 184 0.35 -10.19 -24.43
CA ASN A 184 1.52 -10.51 -23.63
C ASN A 184 1.17 -10.84 -22.16
N LEU A 185 0.16 -10.18 -21.63
CA LEU A 185 -0.35 -10.52 -20.28
C LEU A 185 -1.05 -11.87 -20.24
N ALA A 186 -1.78 -12.20 -21.31
CA ALA A 186 -2.41 -13.51 -21.42
C ALA A 186 -1.38 -14.63 -21.35
N ALA A 187 -0.30 -14.47 -22.12
CA ALA A 187 0.82 -15.43 -22.15
C ALA A 187 1.54 -15.50 -20.81
N PHE A 188 1.79 -14.33 -20.22
CA PHE A 188 2.42 -14.23 -18.91
C PHE A 188 1.64 -15.03 -17.87
N TYR A 189 0.33 -14.84 -17.87
CA TYR A 189 -0.51 -15.46 -16.86
C TYR A 189 -0.58 -16.97 -17.04
N THR A 190 -0.64 -17.42 -18.30
CA THR A 190 -0.58 -18.85 -18.62
C THR A 190 0.68 -19.50 -18.02
N ARG A 191 1.80 -18.78 -18.08
CA ARG A 191 3.07 -19.26 -17.49
C ARG A 191 3.08 -19.27 -15.97
N ILE A 192 2.49 -18.25 -15.35
CA ILE A 192 2.57 -18.15 -13.88
C ILE A 192 1.49 -18.96 -13.15
N GLU A 193 0.32 -19.14 -13.77
CA GLU A 193 -0.81 -19.80 -13.10
C GLU A 193 -0.56 -21.27 -12.80
N LYS A 194 0.37 -21.89 -13.54
CA LYS A 194 0.70 -23.29 -13.38
C LYS A 194 1.72 -23.55 -12.27
N ARG A 195 2.30 -22.49 -11.69
CA ARG A 195 3.24 -22.65 -10.59
C ARG A 195 2.49 -23.22 -9.40
N PRO A 196 3.09 -24.19 -8.67
CA PRO A 196 2.46 -24.75 -7.48
C PRO A 196 1.98 -23.67 -6.51
N SER A 197 2.78 -22.62 -6.32
CA SER A 197 2.39 -21.51 -5.41
C SER A 197 1.07 -20.85 -5.83
N PHE A 198 0.81 -20.75 -7.13
CA PHE A 198 -0.46 -20.21 -7.61
C PHE A 198 -1.58 -21.24 -7.56
N LEU A 199 -1.28 -22.48 -7.95
CA LEU A 199 -2.29 -23.53 -7.93
C LEU A 199 -2.85 -23.77 -6.51
N GLU A 200 -2.00 -23.62 -5.50
CA GLU A 200 -2.36 -23.89 -4.11
C GLU A 200 -3.06 -22.73 -3.41
N THR A 201 -3.16 -21.58 -4.09
CA THR A 201 -3.67 -20.36 -3.44
C THR A 201 -4.80 -19.69 -4.20
N GLN A 202 -5.51 -20.43 -5.05
CA GLN A 202 -6.57 -19.85 -5.88
C GLN A 202 -7.70 -19.34 -4.99
N PRO A 203 -8.25 -18.13 -5.29
CA PRO A 203 -9.33 -17.58 -4.48
C PRO A 203 -10.55 -18.48 -4.54
N GLN A 204 -10.70 -19.18 -5.66
CA GLN A 204 -11.80 -20.11 -5.89
C GLN A 204 -11.83 -21.29 -4.91
N ALA A 205 -10.69 -21.58 -4.25
CA ALA A 205 -10.66 -22.59 -3.19
C ALA A 205 -11.53 -22.24 -1.97
N GLU A 206 -12.02 -21.00 -1.89
CA GLU A 206 -12.97 -20.60 -0.83
C GLU A 206 -14.26 -21.44 -0.85
N ASN A 207 -14.58 -22.01 -2.01
CA ASN A 207 -15.82 -22.82 -2.16
C ASN A 207 -15.72 -24.26 -1.61
N LEU A 208 -14.61 -24.56 -0.93
CA LEU A 208 -14.40 -25.83 -0.22
C LEU A 208 -14.13 -27.04 -1.12
N TYR A 209 -13.92 -26.80 -2.42
CA TYR A 209 -13.77 -27.89 -3.41
C TYR A 209 -12.75 -28.95 -3.00
N PHE A 210 -11.64 -28.52 -2.43
CA PHE A 210 -10.56 -29.45 -2.06
C PHE A 210 -10.75 -30.13 -0.70
N GLN A 211 -11.94 -29.99 -0.12
CA GLN A 211 -12.36 -30.77 1.06
C GLN A 211 -13.32 -31.91 0.69
N SER A 212 -13.65 -32.00 -0.60
CA SER A 212 -14.48 -33.09 -1.12
C SER A 212 -13.63 -34.34 -1.29
N HIS A 213 -14.23 -35.50 -1.02
CA HIS A 213 -13.53 -36.80 -1.11
C HIS A 213 -13.81 -37.52 -2.43
N VAL B 2 16.39 18.02 -13.71
CA VAL B 2 15.78 18.09 -12.35
C VAL B 2 14.55 17.19 -12.31
N MET B 3 14.50 16.27 -11.35
CA MET B 3 13.33 15.41 -11.20
C MET B 3 12.10 16.24 -10.83
N LYS B 4 10.94 15.79 -11.31
CA LYS B 4 9.69 16.47 -11.02
C LYS B 4 8.86 15.61 -10.08
N LEU B 5 8.33 16.22 -9.04
CA LEU B 5 7.37 15.51 -8.19
C LEU B 5 5.98 16.10 -8.47
N ILE B 6 5.07 15.23 -8.93
CA ILE B 6 3.70 15.65 -9.23
C ILE B 6 2.87 15.40 -7.97
N GLY B 7 2.17 16.43 -7.50
CA GLY B 7 1.37 16.26 -6.29
C GLY B 7 0.51 17.45 -6.00
N SER B 8 0.03 17.54 -4.77
CA SER B 8 -0.74 18.71 -4.34
C SER B 8 -0.25 19.08 -2.95
N HIS B 9 -0.55 20.31 -2.53
CA HIS B 9 -0.21 20.77 -1.18
C HIS B 9 -0.98 20.03 -0.09
N ALA B 10 -2.22 19.64 -0.39
CA ALA B 10 -3.03 18.98 0.62
C ALA B 10 -2.66 17.50 0.81
N SER B 11 -2.15 16.87 -0.25
CA SER B 11 -1.97 15.41 -0.26
C SER B 11 -0.95 14.97 0.79
N PRO B 12 -1.37 14.12 1.75
CA PRO B 12 -0.42 13.73 2.81
C PRO B 12 0.60 12.69 2.35
N TYR B 13 0.24 11.86 1.36
CA TYR B 13 1.21 10.93 0.77
C TYR B 13 2.28 11.71 0.00
N THR B 14 1.86 12.76 -0.70
CA THR B 14 2.81 13.72 -1.31
C THR B 14 3.68 14.40 -0.25
N ARG B 15 3.06 14.84 0.84
CA ARG B 15 3.83 15.49 1.90
C ARG B 15 4.93 14.59 2.45
N LYS B 16 4.61 13.31 2.65
CA LYS B 16 5.61 12.35 3.12
C LYS B 16 6.84 12.34 2.20
N VAL B 17 6.60 12.28 0.89
CA VAL B 17 7.69 12.34 -0.08
C VAL B 17 8.41 13.70 -0.02
N ARG B 18 7.67 14.80 0.07
CA ARG B 18 8.36 16.12 0.14
C ARG B 18 9.25 16.28 1.39
N VAL B 19 8.79 15.75 2.52
CA VAL B 19 9.59 15.77 3.75
C VAL B 19 10.84 14.90 3.59
N VAL B 20 10.66 13.71 3.01
CA VAL B 20 11.81 12.86 2.67
C VAL B 20 12.83 13.59 1.77
N LEU B 21 12.34 14.21 0.69
CA LEU B 21 13.23 14.92 -0.22
C LEU B 21 13.97 16.07 0.48
N ALA B 22 13.29 16.77 1.38
CA ALA B 22 13.93 17.86 2.15
C ALA B 22 15.00 17.30 3.08
N GLU B 23 14.66 16.20 3.75
CA GLU B 23 15.60 15.61 4.70
C GLU B 23 16.84 15.03 4.01
N LYS B 24 16.66 14.56 2.78
CA LYS B 24 17.74 14.00 1.98
C LYS B 24 18.48 15.10 1.21
N LYS B 25 17.94 16.33 1.27
CA LYS B 25 18.46 17.49 0.53
C LYS B 25 18.53 17.23 -0.98
N ILE B 26 17.50 16.57 -1.50
CA ILE B 26 17.43 16.25 -2.91
C ILE B 26 16.67 17.37 -3.61
N ASP B 27 17.28 17.93 -4.64
CA ASP B 27 16.65 18.98 -5.45
C ASP B 27 15.56 18.37 -6.32
N TYR B 28 14.43 19.06 -6.42
CA TYR B 28 13.33 18.63 -7.27
C TYR B 28 12.44 19.82 -7.61
N GLN B 29 11.60 19.64 -8.62
CA GLN B 29 10.62 20.64 -9.01
C GLN B 29 9.25 20.10 -8.62
N PHE B 30 8.48 20.89 -7.87
CA PHE B 30 7.15 20.48 -7.46
C PHE B 30 6.09 20.92 -8.47
N VAL B 31 5.41 19.95 -9.07
CA VAL B 31 4.41 20.19 -10.11
C VAL B 31 3.03 19.89 -9.52
N LEU B 32 2.17 20.91 -9.46
CA LEU B 32 0.83 20.77 -8.90
C LEU B 32 -0.15 20.17 -9.88
N GLU B 33 -0.97 19.23 -9.39
CA GLU B 33 -2.00 18.60 -10.19
C GLU B 33 -3.22 18.31 -9.31
N ASP B 34 -4.42 18.53 -9.84
CA ASP B 34 -5.66 18.15 -9.17
C ASP B 34 -6.16 16.82 -9.72
N VAL B 35 -5.88 15.73 -9.01
CA VAL B 35 -6.23 14.39 -9.45
C VAL B 35 -7.73 14.09 -9.40
N TRP B 36 -8.48 14.91 -8.67
CA TRP B 36 -9.90 14.66 -8.49
C TRP B 36 -10.74 15.30 -9.58
N ASN B 37 -10.11 16.20 -10.34
CA ASN B 37 -10.78 16.89 -11.42
C ASN B 37 -10.96 15.96 -12.60
N ALA B 38 -12.11 16.02 -13.28
CA ALA B 38 -12.39 15.13 -14.43
C ALA B 38 -11.38 15.25 -15.58
N ASP B 39 -10.75 16.41 -15.72
CA ASP B 39 -9.83 16.67 -16.82
C ASP B 39 -8.37 16.57 -16.40
N THR B 40 -8.12 15.92 -15.26
CA THR B 40 -6.75 15.70 -14.77
C THR B 40 -5.88 15.02 -15.81
N GLN B 41 -4.60 15.37 -15.83
CA GLN B 41 -3.64 14.76 -16.75
C GLN B 41 -2.73 13.74 -16.06
N ILE B 42 -3.08 13.36 -14.83
CA ILE B 42 -2.21 12.50 -14.02
C ILE B 42 -1.92 11.13 -14.67
N HIS B 43 -2.88 10.61 -15.46
CA HIS B 43 -2.72 9.32 -16.11
C HIS B 43 -1.64 9.27 -17.20
N GLN B 44 -1.14 10.43 -17.63
CA GLN B 44 0.00 10.44 -18.55
CA GLN B 44 0.00 10.47 -18.54
C GLN B 44 1.24 9.90 -17.84
N PHE B 45 1.29 10.03 -16.52
CA PHE B 45 2.50 9.65 -15.78
C PHE B 45 2.29 8.51 -14.79
N ASN B 46 1.19 8.54 -14.04
CA ASN B 46 0.87 7.44 -13.14
C ASN B 46 -0.36 6.69 -13.66
N PRO B 47 -0.20 5.42 -14.07
CA PRO B 47 -1.31 4.57 -14.51
C PRO B 47 -2.44 4.47 -13.48
N LEU B 48 -2.11 4.60 -12.20
CA LEU B 48 -3.08 4.53 -11.12
C LEU B 48 -3.83 5.83 -10.90
N GLY B 49 -3.39 6.89 -11.55
CA GLY B 49 -4.09 8.17 -11.44
C GLY B 49 -3.99 8.84 -10.10
N LYS B 50 -2.88 8.59 -9.39
CA LYS B 50 -2.73 9.07 -8.05
C LYS B 50 -1.49 9.94 -7.90
N VAL B 51 -1.48 10.78 -6.89
CA VAL B 51 -0.29 11.52 -6.48
C VAL B 51 0.14 11.03 -5.09
N PRO B 52 1.47 11.03 -4.80
CA PRO B 52 2.58 11.54 -5.61
C PRO B 52 3.04 10.63 -6.74
N CYS B 53 3.62 11.26 -7.76
CA CYS B 53 4.29 10.56 -8.84
C CYS B 53 5.58 11.31 -9.14
N LEU B 54 6.69 10.60 -9.17
CA LEU B 54 8.00 11.22 -9.42
C LEU B 54 8.41 10.93 -10.86
N VAL B 55 8.74 11.97 -11.59
CA VAL B 55 9.19 11.81 -12.98
C VAL B 55 10.66 12.18 -13.05
N MET B 56 11.50 11.20 -13.41
CA MET B 56 12.95 11.36 -13.39
C MET B 56 13.43 11.96 -14.71
N ASP B 57 14.72 12.27 -14.80
CA ASP B 57 15.29 12.95 -15.98
C ASP B 57 15.12 12.18 -17.30
N ASP B 58 15.22 10.86 -17.24
CA ASP B 58 15.00 10.00 -18.42
C ASP B 58 13.53 9.89 -18.85
N GLY B 59 12.63 10.42 -18.02
CA GLY B 59 11.20 10.34 -18.30
C GLY B 59 10.53 9.17 -17.60
N GLY B 60 11.30 8.44 -16.80
CA GLY B 60 10.75 7.31 -16.06
C GLY B 60 9.88 7.82 -14.92
N ALA B 61 8.73 7.16 -14.72
CA ALA B 61 7.79 7.54 -13.65
C ALA B 61 7.81 6.54 -12.49
N LEU B 62 7.83 7.08 -11.27
CA LEU B 62 7.85 6.24 -10.07
C LEU B 62 6.68 6.54 -9.15
N PHE B 63 6.13 5.48 -8.54
CA PHE B 63 4.98 5.56 -7.64
C PHE B 63 4.97 4.21 -6.90
N ASP B 64 4.27 4.06 -5.76
CA ASP B 64 3.55 5.10 -5.05
C ASP B 64 4.48 5.81 -4.04
N SER B 65 3.93 6.45 -3.01
CA SER B 65 4.74 7.22 -2.06
C SER B 65 5.82 6.38 -1.35
N ARG B 66 5.51 5.11 -1.07
CA ARG B 66 6.48 4.25 -0.40
C ARG B 66 7.68 3.97 -1.29
N VAL B 67 7.40 3.74 -2.57
CA VAL B 67 8.45 3.43 -3.54
C VAL B 67 9.34 4.64 -3.78
N ILE B 68 8.70 5.78 -3.99
CA ILE B 68 9.42 7.06 -4.12
C ILE B 68 10.30 7.37 -2.89
N ALA B 69 9.74 7.25 -1.68
CA ALA B 69 10.51 7.49 -0.44
C ALA B 69 11.74 6.58 -0.33
N GLU B 70 11.55 5.30 -0.65
CA GLU B 70 12.65 4.33 -0.64
C GLU B 70 13.72 4.68 -1.67
N TYR B 71 13.30 5.02 -2.88
CA TYR B 71 14.23 5.40 -3.94
C TYR B 71 15.00 6.64 -3.51
N ALA B 72 14.31 7.63 -2.95
CA ALA B 72 14.96 8.87 -2.51
C ALA B 72 16.01 8.63 -1.46
N ASP B 73 15.75 7.68 -0.54
CA ASP B 73 16.74 7.37 0.52
C ASP B 73 18.08 6.85 -0.06
N THR B 74 18.02 6.17 -1.20
CA THR B 74 19.23 5.63 -1.85
C THR B 74 19.99 6.68 -2.66
N LEU B 75 19.30 7.75 -3.05
CA LEU B 75 19.87 8.75 -3.95
C LEU B 75 20.88 9.67 -3.32
N SER B 76 20.75 9.89 -2.02
CA SER B 76 21.54 10.88 -1.31
C SER B 76 22.10 10.29 -0.03
N PRO B 77 23.33 10.69 0.35
CA PRO B 77 23.90 10.18 1.59
C PRO B 77 23.50 10.97 2.85
N VAL B 78 22.69 12.03 2.67
CA VAL B 78 22.24 12.85 3.79
C VAL B 78 21.12 12.13 4.52
N ALA B 79 21.32 11.87 5.82
CA ALA B 79 20.39 11.08 6.68
C ALA B 79 20.30 9.62 6.25
N ARG B 80 19.75 8.80 7.14
CA ARG B 80 19.58 7.37 6.87
C ARG B 80 18.16 7.02 7.26
N LEU B 81 17.24 7.13 6.31
CA LEU B 81 15.83 7.08 6.65
C LEU B 81 15.27 5.67 6.72
N ILE B 82 15.92 4.73 6.04
CA ILE B 82 15.48 3.34 6.06
C ILE B 82 16.67 2.46 6.43
N PRO B 83 16.59 1.74 7.55
CA PRO B 83 17.69 0.84 7.92
C PRO B 83 17.94 -0.22 6.83
N PRO B 84 19.22 -0.63 6.65
CA PRO B 84 19.58 -1.51 5.55
C PRO B 84 19.02 -2.94 5.67
N SER B 85 18.76 -3.38 6.90
CA SER B 85 18.41 -4.79 7.12
C SER B 85 17.93 -5.06 8.53
N GLY B 86 17.51 -6.31 8.72
CA GLY B 86 17.26 -6.85 10.03
C GLY B 86 15.95 -6.41 10.62
N ARG B 87 15.86 -6.55 11.92
CA ARG B 87 14.69 -6.19 12.61
C ARG B 87 14.37 -4.69 12.45
N GLU B 88 15.38 -3.89 12.41
CA GLU B 88 15.19 -2.43 12.37
C GLU B 88 14.50 -2.01 11.09
N ARG B 89 14.86 -2.62 9.98
CA ARG B 89 14.23 -2.29 8.74
C ARG B 89 12.74 -2.68 8.70
N VAL B 90 12.45 -3.89 9.12
CA VAL B 90 11.06 -4.33 9.12
C VAL B 90 10.21 -3.45 10.03
N GLU B 91 10.76 -3.10 11.20
CA GLU B 91 10.08 -2.21 12.13
C GLU B 91 9.76 -0.88 11.45
N VAL B 92 10.75 -0.29 10.77
CA VAL B 92 10.51 0.98 10.06
C VAL B 92 9.48 0.83 8.93
N ARG B 93 9.56 -0.27 8.17
CA ARG B 93 8.56 -0.50 7.10
C ARG B 93 7.13 -0.63 7.65
N CYS B 94 7.01 -1.35 8.76
CA CYS B 94 5.71 -1.53 9.41
C CYS B 94 5.16 -0.21 9.98
N TRP B 95 6.03 0.61 10.60
CA TRP B 95 5.62 1.96 11.02
C TRP B 95 5.08 2.80 9.87
N GLU B 96 5.77 2.74 8.72
CA GLU B 96 5.27 3.44 7.52
C GLU B 96 3.91 2.92 7.10
N ALA B 97 3.73 1.60 7.13
CA ALA B 97 2.43 1.00 6.78
C ALA B 97 1.33 1.42 7.75
N LEU B 98 1.66 1.48 9.03
CA LEU B 98 0.70 1.94 10.05
C LEU B 98 0.26 3.39 9.80
N ALA B 99 1.23 4.27 9.56
CA ALA B 99 0.93 5.66 9.26
C ALA B 99 0.18 5.82 7.94
N ASP B 100 0.61 5.08 6.89
CA ASP B 100 -0.10 5.14 5.61
C ASP B 100 -1.52 4.63 5.73
N GLY B 101 -1.72 3.64 6.60
CA GLY B 101 -3.08 3.10 6.86
C GLY B 101 -3.98 4.09 7.58
N LEU B 102 -3.40 4.86 8.50
CA LEU B 102 -4.15 5.94 9.13
C LEU B 102 -4.53 6.98 8.06
N LEU B 103 -3.56 7.34 7.22
CA LEU B 103 -3.86 8.19 6.06
C LEU B 103 -4.95 7.62 5.17
N ASP B 104 -4.90 6.33 4.85
CA ASP B 104 -5.88 5.72 3.96
C ASP B 104 -7.29 5.92 4.51
N ALA B 105 -7.44 5.71 5.82
CA ALA B 105 -8.73 5.86 6.50
C ALA B 105 -9.19 7.31 6.52
N ALA B 106 -8.26 8.22 6.84
CA ALA B 106 -8.59 9.66 6.91
C ALA B 106 -8.92 10.21 5.53
N VAL B 107 -8.15 9.81 4.52
CA VAL B 107 -8.45 10.21 3.14
C VAL B 107 -9.80 9.63 2.67
N ALA B 108 -10.09 8.39 3.05
CA ALA B 108 -11.41 7.81 2.75
C ALA B 108 -12.56 8.66 3.31
N LEU B 109 -12.36 9.21 4.50
CA LEU B 109 -13.37 10.09 5.10
C LEU B 109 -13.54 11.40 4.31
N ARG B 110 -12.44 11.92 3.79
CA ARG B 110 -12.47 13.12 2.94
C ARG B 110 -13.20 12.82 1.63
N VAL B 111 -12.83 11.70 1.02
CA VAL B 111 -13.44 11.20 -0.24
C VAL B 111 -14.95 11.00 -0.08
N GLU B 112 -15.37 10.47 1.08
CA GLU B 112 -16.79 10.25 1.36
C GLU B 112 -17.58 11.56 1.26
N GLN B 113 -16.96 12.65 1.70
CA GLN B 113 -17.62 13.96 1.65
C GLN B 113 -17.54 14.64 0.27
N THR B 114 -16.43 14.45 -0.45
CA THR B 114 -16.22 15.20 -1.71
C THR B 114 -16.61 14.46 -2.99
N GLN B 115 -16.58 13.14 -2.96
CA GLN B 115 -16.80 12.33 -4.15
C GLN B 115 -18.16 11.66 -4.14
N ARG B 116 -18.89 11.83 -3.03
CA ARG B 116 -20.22 11.26 -2.90
CA ARG B 116 -20.23 11.26 -2.87
C ARG B 116 -21.22 12.35 -2.50
N THR B 117 -22.41 12.28 -3.08
CA THR B 117 -23.50 13.18 -2.70
C THR B 117 -24.02 12.75 -1.32
N PRO B 118 -24.74 13.65 -0.60
CA PRO B 118 -25.30 13.27 0.71
C PRO B 118 -26.08 11.94 0.71
N GLU B 119 -26.81 11.64 -0.36
CA GLU B 119 -27.61 10.41 -0.44
C GLU B 119 -26.77 9.16 -0.68
N GLN B 120 -25.53 9.34 -1.11
CA GLN B 120 -24.64 8.22 -1.39
C GLN B 120 -23.75 7.85 -0.22
N ARG B 121 -23.76 8.68 0.83
CA ARG B 121 -22.85 8.48 1.97
C ARG B 121 -23.34 7.40 2.92
N SER B 122 -22.40 6.62 3.46
CA SER B 122 -22.70 5.54 4.37
C SER B 122 -22.15 5.81 5.78
N GLU B 123 -23.06 5.88 6.75
CA GLU B 123 -22.61 6.14 8.12
C GLU B 123 -21.84 4.93 8.69
N SER B 124 -22.17 3.72 8.24
CA SER B 124 -21.45 2.53 8.70
C SER B 124 -20.01 2.55 8.16
N TRP B 125 -19.84 3.01 6.94
CA TRP B 125 -18.51 3.15 6.34
C TRP B 125 -17.69 4.22 7.06
N ILE B 126 -18.32 5.36 7.34
CA ILE B 126 -17.69 6.44 8.11
C ILE B 126 -17.23 5.97 9.50
N THR B 127 -18.11 5.25 10.21
CA THR B 127 -17.79 4.63 11.50
C THR B 127 -16.58 3.69 11.40
N ARG B 128 -16.57 2.87 10.37
CA ARG B 128 -15.48 1.93 10.10
C ARG B 128 -14.14 2.64 9.96
N GLN B 129 -14.09 3.71 9.16
CA GLN B 129 -12.84 4.45 8.97
C GLN B 129 -12.37 5.19 10.23
N HIS B 130 -13.32 5.76 10.96
CA HIS B 130 -12.99 6.36 12.26
C HIS B 130 -12.42 5.33 13.26
N HIS B 131 -12.94 4.11 13.22
CA HIS B 131 -12.45 3.05 14.10
C HIS B 131 -10.99 2.72 13.77
N LYS B 132 -10.66 2.65 12.48
CA LYS B 132 -9.28 2.46 12.04
C LYS B 132 -8.35 3.55 12.52
N ILE B 133 -8.77 4.82 12.41
CA ILE B 133 -7.97 5.94 12.89
C ILE B 133 -7.71 5.84 14.39
N ASP B 134 -8.78 5.58 15.15
CA ASP B 134 -8.67 5.44 16.60
CA ASP B 134 -8.67 5.44 16.60
C ASP B 134 -7.70 4.33 16.99
N GLU B 135 -7.83 3.17 16.35
CA GLU B 135 -6.95 2.03 16.64
C GLU B 135 -5.52 2.23 16.17
N ALA B 136 -5.33 2.83 14.99
CA ALA B 136 -3.99 3.22 14.52
C ALA B 136 -3.28 4.17 15.49
N LEU B 137 -4.00 5.18 15.99
CA LEU B 137 -3.43 6.12 16.96
C LEU B 137 -2.99 5.41 18.24
N LYS B 138 -3.83 4.49 18.72
CA LYS B 138 -3.50 3.67 19.91
CA LYS B 138 -3.48 3.70 19.91
C LYS B 138 -2.23 2.86 19.68
N ALA B 139 -2.12 2.27 18.48
CA ALA B 139 -0.94 1.46 18.16
C ALA B 139 0.32 2.34 18.04
N MET B 140 0.19 3.53 17.47
CA MET B 140 1.31 4.45 17.38
C MET B 140 1.79 4.88 18.77
N SER B 141 0.83 5.20 19.64
CA SER B 141 1.16 5.59 21.02
C SER B 141 1.88 4.46 21.77
N ARG B 142 1.34 3.24 21.67
CA ARG B 142 1.92 2.06 22.29
C ARG B 142 3.32 1.79 21.73
N GLY B 143 3.46 1.91 20.42
CA GLY B 143 4.74 1.66 19.73
C GLY B 143 5.83 2.63 20.14
N LEU B 144 5.47 3.90 20.29
CA LEU B 144 6.44 4.94 20.63
C LEU B 144 6.81 4.91 22.10
N ALA B 145 5.84 4.57 22.95
CA ALA B 145 6.04 4.51 24.41
C ALA B 145 6.70 5.79 24.90
N ASP B 146 7.79 5.67 25.64
CA ASP B 146 8.50 6.86 26.17
C ASP B 146 9.71 7.28 25.32
N ARG B 147 9.83 6.71 24.12
CA ARG B 147 11.00 6.97 23.29
C ARG B 147 10.87 8.30 22.51
N THR B 148 12.01 8.85 22.11
CA THR B 148 12.03 10.06 21.30
C THR B 148 11.69 9.80 19.81
N TRP B 149 12.27 8.73 19.27
CA TRP B 149 12.12 8.35 17.86
C TRP B 149 11.32 7.05 17.75
N CYS B 150 10.65 6.85 16.62
CA CYS B 150 9.89 5.61 16.43
C CYS B 150 10.79 4.39 16.45
N ASN B 151 11.96 4.51 15.83
CA ASN B 151 12.89 3.39 15.71
C ASN B 151 14.33 3.83 15.87
N GLY B 152 15.06 3.04 16.65
CA GLY B 152 16.45 3.32 16.91
C GLY B 152 16.55 4.62 17.67
N ASN B 153 17.59 5.37 17.35
CA ASN B 153 17.80 6.60 18.06
C ASN B 153 18.14 7.72 17.09
N HIS B 154 17.43 7.74 15.95
CA HIS B 154 17.61 8.80 14.96
C HIS B 154 16.36 8.91 14.09
N LEU B 155 16.27 9.98 13.30
CA LEU B 155 15.14 10.20 12.41
C LEU B 155 15.07 9.13 11.32
N THR B 156 13.91 8.50 11.17
CA THR B 156 13.71 7.56 10.05
C THR B 156 12.45 7.91 9.29
N LEU B 157 12.20 7.17 8.21
CA LEU B 157 10.93 7.25 7.49
C LEU B 157 9.71 7.00 8.40
N ALA B 158 9.89 6.20 9.46
CA ALA B 158 8.83 5.98 10.44
C ALA B 158 8.37 7.29 11.09
N ASP B 159 9.31 8.11 11.55
CA ASP B 159 8.97 9.39 12.18
C ASP B 159 8.27 10.32 11.18
N ILE B 160 8.83 10.38 9.98
CA ILE B 160 8.29 11.22 8.92
C ILE B 160 6.85 10.84 8.59
N ALA B 161 6.61 9.54 8.41
CA ALA B 161 5.28 9.05 8.06
C ALA B 161 4.27 9.33 9.19
N VAL B 162 4.67 9.03 10.43
CA VAL B 162 3.83 9.33 11.60
C VAL B 162 3.51 10.81 11.69
N GLY B 163 4.52 11.66 11.53
CA GLY B 163 4.33 13.12 11.57
C GLY B 163 3.33 13.60 10.53
N CYS B 164 3.47 13.07 9.31
CA CYS B 164 2.54 13.41 8.22
C CYS B 164 1.09 13.00 8.51
N ALA B 165 0.92 11.83 9.12
CA ALA B 165 -0.41 11.33 9.52
C ALA B 165 -1.07 12.17 10.60
N LEU B 166 -0.32 12.50 11.65
CA LEU B 166 -0.84 13.37 12.73
C LEU B 166 -1.21 14.76 12.20
N ALA B 167 -0.35 15.33 11.34
CA ALA B 167 -0.61 16.63 10.74
C ALA B 167 -1.82 16.60 9.81
N TYR B 168 -2.04 15.48 9.13
CA TYR B 168 -3.20 15.38 8.25
C TYR B 168 -4.50 15.33 9.06
N LEU B 169 -4.46 14.67 10.22
CA LEU B 169 -5.60 14.72 11.14
C LEU B 169 -5.88 16.16 11.58
N ASP B 170 -4.84 16.93 11.92
CA ASP B 170 -5.03 18.36 12.28
C ASP B 170 -5.72 19.16 11.16
N PHE B 171 -5.33 18.85 9.92
CA PHE B 171 -5.79 19.53 8.73
C PHE B 171 -7.24 19.18 8.36
N ARG B 172 -7.55 17.90 8.24
CA ARG B 172 -8.86 17.45 7.73
C ARG B 172 -9.83 16.88 8.75
N GLN B 173 -9.33 16.45 9.90
CA GLN B 173 -10.18 15.93 10.97
C GLN B 173 -9.88 16.66 12.30
N PRO B 174 -9.95 18.02 12.31
CA PRO B 174 -9.43 18.76 13.47
C PRO B 174 -10.23 18.51 14.76
N GLN B 175 -11.39 17.89 14.65
CA GLN B 175 -12.23 17.53 15.79
C GLN B 175 -11.73 16.25 16.50
N VAL B 176 -10.89 15.46 15.84
CA VAL B 176 -10.30 14.28 16.48
C VAL B 176 -9.20 14.75 17.43
N ASP B 177 -9.47 14.70 18.74
CA ASP B 177 -8.51 15.21 19.73
C ASP B 177 -7.51 14.12 20.11
N TRP B 178 -6.61 13.82 19.18
CA TRP B 178 -5.59 12.81 19.41
C TRP B 178 -4.53 13.20 20.45
N ARG B 179 -4.29 14.50 20.63
CA ARG B 179 -3.31 14.98 21.62
C ARG B 179 -3.76 14.66 23.04
N GLU B 180 -5.05 14.83 23.31
CA GLU B 180 -5.62 14.59 24.64
C GLU B 180 -5.55 13.11 24.99
N GLN B 181 -5.84 12.26 24.00
CA GLN B 181 -5.81 10.81 24.22
C GLN B 181 -4.38 10.27 24.33
N HIS B 182 -3.46 10.89 23.60
CA HIS B 182 -2.10 10.35 23.47
C HIS B 182 -1.03 11.39 23.71
N ALA B 183 -0.66 11.61 24.98
CA ALA B 183 0.31 12.64 25.32
C ALA B 183 1.68 12.44 24.65
N ASN B 184 2.12 11.18 24.54
CA ASN B 184 3.40 10.93 23.89
C ASN B 184 3.42 11.31 22.40
N LEU B 185 2.29 11.09 21.70
CA LEU B 185 2.18 11.54 20.31
C LEU B 185 2.13 13.07 20.20
N ALA B 186 1.50 13.72 21.19
CA ALA B 186 1.47 15.18 21.24
C ALA B 186 2.89 15.74 21.40
N ALA B 187 3.69 15.15 22.30
CA ALA B 187 5.06 15.57 22.51
C ALA B 187 5.90 15.29 21.26
N PHE B 188 5.72 14.11 20.69
CA PHE B 188 6.39 13.70 19.44
C PHE B 188 6.17 14.71 18.34
N TYR B 189 4.90 15.07 18.13
CA TYR B 189 4.54 16.01 17.08
C TYR B 189 5.07 17.42 17.35
N THR B 190 5.06 17.87 18.61
CA THR B 190 5.63 19.17 18.95
C THR B 190 7.12 19.24 18.55
N ARG B 191 7.85 18.15 18.75
CA ARG B 191 9.24 18.05 18.26
C ARG B 191 9.34 18.05 16.73
N ILE B 192 8.60 17.16 16.08
CA ILE B 192 8.77 16.97 14.65
C ILE B 192 8.28 18.16 13.78
N GLU B 193 7.27 18.90 14.25
CA GLU B 193 6.68 19.98 13.46
C GLU B 193 7.61 21.18 13.35
N LYS B 194 8.62 21.21 14.22
CA LYS B 194 9.62 22.28 14.24
C LYS B 194 10.72 22.08 13.19
N ARG B 195 10.84 20.86 12.67
CA ARG B 195 11.82 20.59 11.61
C ARG B 195 11.46 21.38 10.35
N PRO B 196 12.46 22.03 9.71
CA PRO B 196 12.26 22.79 8.47
C PRO B 196 11.49 22.00 7.39
N SER B 197 11.77 20.70 7.26
CA SER B 197 11.06 19.84 6.30
C SER B 197 9.54 19.85 6.51
N PHE B 198 9.10 19.87 7.77
CA PHE B 198 7.67 20.00 8.07
C PHE B 198 7.17 21.42 7.93
N LEU B 199 7.96 22.39 8.40
CA LEU B 199 7.56 23.80 8.31
C LEU B 199 7.30 24.26 6.88
N GLU B 200 8.08 23.72 5.95
CA GLU B 200 8.02 24.13 4.55
C GLU B 200 7.01 23.35 3.72
N THR B 201 6.33 22.36 4.32
CA THR B 201 5.41 21.51 3.56
C THR B 201 4.00 21.44 4.14
N GLN B 202 3.57 22.51 4.80
CA GLN B 202 2.25 22.54 5.43
C GLN B 202 1.12 22.52 4.39
N PRO B 203 0.02 21.82 4.69
CA PRO B 203 -1.04 21.71 3.68
C PRO B 203 -1.89 22.98 3.53
N1 GSH C . -2.60 -2.10 2.05
CA1 GSH C . -3.13 -3.43 2.39
C1 GSH C . -2.20 -4.53 1.96
O11 GSH C . -2.13 -5.59 2.64
O12 GSH C . -1.45 -4.41 0.97
CB1 GSH C . -4.53 -3.64 1.81
CG1 GSH C . -5.24 -4.78 2.56
CD1 GSH C . -6.74 -4.80 2.33
OE1 GSH C . -7.42 -3.64 1.92
N2 GSH C . -7.37 -5.95 2.56
CA2 GSH C . -8.82 -6.05 2.56
C2 GSH C . -9.34 -5.66 3.91
O2 GSH C . -8.81 -6.42 4.93
CB2 GSH C . -9.29 -7.49 2.33
SG2 GSH C . -8.86 -8.02 0.66
N3 GSH C . -10.24 -4.69 4.07
CA3 GSH C . -10.99 -4.56 5.32
C3 GSH C . -11.21 -3.13 5.75
O31 GSH C . -11.92 -2.85 6.73
O32 GSH C . -10.71 -2.21 5.11
C ACT D . -12.74 -9.86 -2.05
O ACT D . -13.58 -10.40 -1.29
OXT ACT D . -13.00 -9.90 -3.27
CH3 ACT D . -11.51 -9.22 -1.52
N1 GSH E . -0.85 4.35 -2.15
CA1 GSH E . -0.70 5.73 -2.64
C1 GSH E . 0.54 6.35 -2.06
O11 GSH E . 1.01 5.93 -0.96
O12 GSH E . 1.18 7.25 -2.65
CB1 GSH E . -1.96 6.54 -2.28
CG1 GSH E . -1.90 7.89 -3.01
CD1 GSH E . -3.27 8.55 -3.08
OE1 GSH E . -4.40 7.76 -2.95
N2 GSH E . -3.32 9.87 -3.25
CA2 GSH E . -4.57 10.59 -3.45
C2 GSH E . -5.05 10.41 -4.85
O2 GSH E . -4.12 10.72 -5.84
CB2 GSH E . -4.37 12.09 -3.29
SG2 GSH E . -4.09 12.46 -1.55
N3 GSH E . -6.30 9.99 -5.10
CA3 GSH E . -6.84 10.11 -6.45
C3 GSH E . -7.60 8.89 -6.90
O31 GSH E . -7.61 7.87 -6.21
O32 GSH E . -8.23 8.91 -7.98
C ACT F . -7.10 16.00 0.73
O ACT F . -7.39 16.10 1.94
OXT ACT F . -7.25 17.03 0.04
CH3 ACT F . -6.62 14.70 0.13
#